data_3KJ7
#
_entry.id   3KJ7
#
_cell.length_a   61.810
_cell.length_b   50.134
_cell.length_c   65.545
_cell.angle_alpha   90.00
_cell.angle_beta   107.10
_cell.angle_gamma   90.00
#
_symmetry.space_group_name_H-M   'P 1 21 1'
#
loop_
_entity.id
_entity.type
_entity.pdbx_description
1 polymer Lactotransferrin
2 branched 2-acetamido-2-deoxy-beta-D-glucopyranose-(1-4)-2-acetamido-2-deoxy-beta-D-glucopyranose
3 branched alpha-D-mannopyranose-(1-4)-2-acetamido-2-deoxy-beta-D-glucopyranose-(1-4)-2-acetamido-2-deoxy-beta-D-glucopyranose
4 branched beta-D-glucopyranose-(1-4)-beta-D-glucopyranose-(1-4)-alpha-D-glucopyranose
5 non-polymer 'SULFATE ION'
6 non-polymer 'ZINC ION'
7 non-polymer 'FE (III) ION'
8 non-polymer 'CARBONATE ION'
9 water water
#
_entity_poly.entity_id   1
_entity_poly.type   'polypeptide(L)'
_entity_poly.pdbx_seq_one_letter_code
;YTRVVWCAVGPEEQKKCQQWSQQSGQNVTCATASTTDDCIVLVLKGEADALNLDGGYIYTAGKCGLVPVLAENRKSSKHS
SLDCVLRPTEGYLAVAVVKKANEGLTWNSLKDKKSCHTAVDRTAGWNIPMGLIVNQTGSCAFDEFFSQSCAPGADPKSRL
CALCAGDDQGLDKCVPNSKEKYYGYTGAFRCLAEDVGDVAFVKNDTVWENTNGESTADWAKNLKREDFRLLCLDGTRKPV
TEAQSCHLAVAPNHAVVSRSDRAAHVEQVLLHQQALFGKNGKNCPDKFCLFKSETKNLLFNDNTECLAKLGGRPTYEEYL
GTEYVTAIANLKKCSTSPLLEACAF
;
_entity_poly.pdbx_strand_id   A
#
# COMPACT_ATOMS: atom_id res chain seq x y z
N TYR A 1 4.65 14.62 26.95
CA TYR A 1 4.92 14.15 25.57
C TYR A 1 4.23 12.81 25.26
N THR A 2 4.03 12.00 26.29
CA THR A 2 3.74 10.56 26.16
C THR A 2 2.35 10.17 25.60
N ARG A 3 1.82 10.96 24.67
CA ARG A 3 0.58 10.61 23.97
C ARG A 3 0.69 10.83 22.47
N VAL A 4 0.50 9.75 21.71
CA VAL A 4 0.53 9.64 20.24
C VAL A 4 -0.88 9.67 19.67
N VAL A 5 -0.83 10.61 18.74
CA VAL A 5 -2.02 10.77 17.93
C VAL A 5 -1.82 10.14 16.55
N TRP A 6 -2.45 8.99 16.36
CA TRP A 6 -2.40 8.29 15.07
C TRP A 6 -3.40 8.90 14.09
N CYS A 7 -3.13 8.80 12.78
CA CYS A 7 -4.10 9.26 11.79
C CYS A 7 -4.67 8.10 10.99
N ALA A 8 -5.99 7.91 11.11
CA ALA A 8 -6.68 6.84 10.41
C ALA A 8 -7.31 7.37 9.15
N VAL A 9 -7.19 6.61 8.07
CA VAL A 9 -7.75 7.00 6.77
C VAL A 9 -9.10 6.29 6.54
N GLY A 10 -10.18 7.05 6.64
CA GLY A 10 -11.54 6.54 6.39
C GLY A 10 -12.12 5.91 7.65
N PRO A 11 -13.42 5.60 7.65
CA PRO A 11 -14.10 5.12 8.89
C PRO A 11 -13.68 3.73 9.41
N GLU A 12 -13.23 2.84 8.52
CA GLU A 12 -12.86 1.48 8.95
C GLU A 12 -11.56 1.51 9.73
N GLU A 13 -10.56 2.25 9.23
CA GLU A 13 -9.33 2.47 9.97
C GLU A 13 -9.61 3.22 11.29
N GLN A 14 -10.55 4.16 11.26
CA GLN A 14 -10.94 4.89 12.48
C GLN A 14 -11.44 3.91 13.56
N LYS A 15 -12.28 2.96 13.16
CA LYS A 15 -12.82 1.96 14.10
C LYS A 15 -11.70 1.13 14.76
N LYS A 16 -10.78 0.63 13.94
CA LYS A 16 -9.63 -0.13 14.43
C LYS A 16 -8.75 0.71 15.37
N CYS A 17 -8.48 1.94 14.95
CA CYS A 17 -7.71 2.88 15.75
C CYS A 17 -8.36 3.10 17.12
N GLN A 18 -9.69 3.28 17.13
CA GLN A 18 -10.43 3.48 18.38
C GLN A 18 -10.25 2.28 19.32
N GLN A 19 -10.27 1.08 18.77
CA GLN A 19 -10.07 -0.16 19.53
C GLN A 19 -8.67 -0.20 20.13
N TRP A 20 -7.67 0.14 19.31
CA TRP A 20 -6.27 0.27 19.73
C TRP A 20 -6.13 1.30 20.85
N SER A 21 -6.79 2.44 20.69
CA SER A 21 -6.77 3.52 21.69
C SER A 21 -7.29 3.06 23.06
N GLN A 22 -8.44 2.38 23.06
CA GLN A 22 -9.01 1.83 24.30
C GLN A 22 -8.04 0.88 24.98
N GLN A 23 -7.49 -0.06 24.20
CA GLN A 23 -6.60 -1.08 24.72
C GLN A 23 -5.24 -0.54 25.17
N SER A 24 -4.79 0.55 24.58
CA SER A 24 -3.51 1.16 24.95
C SER A 24 -3.60 2.05 26.19
N GLY A 25 -4.80 2.17 26.77
CA GLY A 25 -5.02 3.06 27.91
C GLY A 25 -4.80 4.52 27.55
N GLN A 26 -5.20 4.89 26.34
CA GLN A 26 -5.09 6.25 25.80
C GLN A 26 -3.65 6.73 25.53
N ASN A 27 -2.68 5.82 25.60
CA ASN A 27 -1.31 6.15 25.18
C ASN A 27 -1.28 6.47 23.70
N VAL A 28 -2.22 5.89 22.97
CA VAL A 28 -2.46 6.20 21.57
C VAL A 28 -3.89 6.72 21.47
N THR A 29 -4.08 7.80 20.72
CA THR A 29 -5.40 8.31 20.41
C THR A 29 -5.50 8.51 18.91
N CYS A 30 -6.68 8.91 18.45
CA CYS A 30 -7.01 8.84 17.03
C CYS A 30 -7.48 10.15 16.42
N ALA A 31 -6.90 10.47 15.28
CA ALA A 31 -7.41 11.50 14.39
C ALA A 31 -7.80 10.76 13.13
N THR A 32 -8.80 11.25 12.41
CA THR A 32 -9.22 10.59 11.16
C THR A 32 -9.40 11.60 10.03
N ALA A 33 -9.06 11.18 8.81
CA ALA A 33 -9.28 11.99 7.60
C ALA A 33 -9.75 11.09 6.45
N SER A 34 -10.26 11.71 5.38
CA SER A 34 -10.84 10.95 4.25
C SER A 34 -9.80 10.32 3.32
N THR A 35 -8.62 10.94 3.26
CA THR A 35 -7.58 10.44 2.36
C THR A 35 -6.21 10.45 3.05
N THR A 36 -5.28 9.68 2.48
CA THR A 36 -3.91 9.65 3.00
C THR A 36 -3.28 11.06 2.95
N ASP A 37 -3.46 11.75 1.82
CA ASP A 37 -3.00 13.13 1.69
C ASP A 37 -3.53 14.05 2.79
N ASP A 38 -4.80 13.89 3.15
CA ASP A 38 -5.40 14.69 4.23
C ASP A 38 -4.76 14.37 5.59
N CYS A 39 -4.48 13.08 5.83
CA CYS A 39 -3.74 12.66 7.03
C CYS A 39 -2.34 13.27 7.11
N ILE A 40 -1.62 13.28 6.01
CA ILE A 40 -0.31 13.92 5.95
C ILE A 40 -0.42 15.40 6.35
N VAL A 41 -1.43 16.09 5.82
CA VAL A 41 -1.71 17.50 6.17
C VAL A 41 -1.97 17.65 7.69
N LEU A 42 -2.79 16.78 8.27
CA LEU A 42 -2.99 16.82 9.73
C LEU A 42 -1.67 16.70 10.48
N VAL A 43 -0.82 15.76 10.07
CA VAL A 43 0.50 15.62 10.67
C VAL A 43 1.32 16.91 10.49
N LEU A 44 1.34 17.47 9.27
CA LEU A 44 2.07 18.72 9.01
C LEU A 44 1.61 19.87 9.91
N LYS A 45 0.31 19.95 10.15
CA LYS A 45 -0.27 20.97 11.04
C LYS A 45 -0.02 20.72 12.53
N GLY A 46 0.41 19.50 12.86
CA GLY A 46 0.63 19.09 14.24
C GLY A 46 -0.64 18.61 14.94
N GLU A 47 -1.66 18.27 14.14
CA GLU A 47 -2.97 17.83 14.68
C GLU A 47 -3.08 16.31 14.73
N ALA A 48 -2.07 15.64 14.16
CA ALA A 48 -1.82 14.24 14.40
C ALA A 48 -0.30 14.04 14.46
N ASP A 49 0.13 12.90 14.98
CA ASP A 49 1.57 12.64 15.08
C ASP A 49 2.14 11.79 13.98
N ALA A 50 1.41 10.76 13.56
CA ALA A 50 2.01 9.74 12.70
C ALA A 50 0.97 8.88 12.02
N LEU A 51 1.39 8.24 10.94
CA LEU A 51 0.64 7.16 10.31
C LEU A 51 1.59 6.34 9.44
N ASN A 52 1.17 5.13 9.09
CA ASN A 52 1.97 4.21 8.32
C ASN A 52 1.59 4.36 6.84
N LEU A 53 2.59 4.43 5.96
CA LEU A 53 2.38 4.89 4.57
C LEU A 53 3.07 4.04 3.52
N ASP A 54 2.38 3.78 2.40
CA ASP A 54 3.05 3.29 1.19
C ASP A 54 4.17 4.24 0.75
N GLY A 55 5.18 3.73 0.03
CA GLY A 55 6.32 4.54 -0.45
C GLY A 55 6.01 5.76 -1.31
N GLY A 56 4.94 5.67 -2.12
CA GLY A 56 4.48 6.78 -2.96
C GLY A 56 4.04 7.94 -2.06
N TYR A 57 3.32 7.61 -1.01
CA TYR A 57 2.91 8.54 -0.01
C TYR A 57 4.10 9.06 0.85
N ILE A 58 5.06 8.22 1.13
CA ILE A 58 6.27 8.65 1.85
C ILE A 58 6.99 9.76 1.09
N TYR A 59 6.99 9.63 -0.24
CA TYR A 59 7.53 10.66 -1.13
C TYR A 59 6.80 12.00 -0.94
N THR A 60 5.46 11.98 -0.98
CA THR A 60 4.65 13.17 -0.70
C THR A 60 4.96 13.75 0.67
N ALA A 61 4.94 12.89 1.69
CA ALA A 61 5.17 13.30 3.08
C ALA A 61 6.58 13.88 3.26
N GLY A 62 7.55 13.25 2.59
CA GLY A 62 8.96 13.61 2.76
C GLY A 62 9.34 14.93 2.11
N LYS A 63 8.69 15.23 0.99
CA LYS A 63 8.82 16.51 0.32
C LYS A 63 8.31 17.65 1.23
N CYS A 64 7.41 17.29 2.14
CA CYS A 64 6.82 18.25 3.09
C CYS A 64 7.53 18.24 4.45
N GLY A 65 8.63 17.50 4.54
CA GLY A 65 9.49 17.54 5.72
C GLY A 65 9.31 16.42 6.72
N LEU A 66 8.32 15.53 6.51
CA LEU A 66 8.09 14.38 7.44
C LEU A 66 9.13 13.29 7.23
N VAL A 67 9.47 12.55 8.29
CA VAL A 67 10.61 11.61 8.26
C VAL A 67 10.21 10.14 8.54
N PRO A 68 10.91 9.17 7.92
CA PRO A 68 10.65 7.77 8.25
C PRO A 68 11.05 7.43 9.70
N VAL A 69 10.28 6.57 10.34
CA VAL A 69 10.47 6.27 11.76
C VAL A 69 10.76 4.78 12.03
N LEU A 70 9.86 3.91 11.57
CA LEU A 70 10.01 2.44 11.61
C LEU A 70 9.34 1.89 10.35
N ALA A 71 9.82 0.73 9.87
CA ALA A 71 9.27 0.13 8.65
C ALA A 71 8.57 -1.19 8.91
N GLU A 72 7.50 -1.46 8.13
CA GLU A 72 6.91 -2.79 8.11
C GLU A 72 7.96 -3.85 7.77
N ASN A 73 7.98 -4.93 8.54
CA ASN A 73 8.85 -6.08 8.27
C ASN A 73 7.96 -7.32 8.23
N ARG A 74 7.88 -7.97 7.08
CA ARG A 74 7.13 -9.22 6.96
C ARG A 74 8.05 -10.40 7.28
N LYS A 75 7.50 -11.62 7.25
CA LYS A 75 8.32 -12.81 7.45
C LYS A 75 9.26 -13.04 6.27
N SER A 76 10.42 -13.62 6.54
CA SER A 76 11.41 -13.86 5.48
C SER A 76 12.12 -15.21 5.64
N SER A 77 13.30 -15.32 5.03
CA SER A 77 14.13 -16.53 5.09
C SER A 77 15.63 -16.20 5.17
N LYS A 78 15.95 -14.91 5.23
CA LYS A 78 17.32 -14.46 5.51
C LYS A 78 17.34 -13.66 6.81
N HIS A 79 18.53 -13.50 7.40
CA HIS A 79 18.72 -12.88 8.72
C HIS A 79 17.85 -13.51 9.82
N SER A 80 17.62 -14.81 9.69
CA SER A 80 16.69 -15.55 10.55
C SER A 80 17.04 -15.60 12.04
N SER A 81 18.28 -15.26 12.38
CA SER A 81 18.73 -15.26 13.78
C SER A 81 18.37 -13.96 14.51
N LEU A 82 18.48 -12.84 13.81
CA LEU A 82 18.13 -11.53 14.36
C LEU A 82 16.64 -11.42 14.71
N ASP A 83 16.34 -10.63 15.73
CA ASP A 83 14.96 -10.31 16.06
C ASP A 83 14.34 -9.52 14.91
N CYS A 84 13.03 -9.69 14.72
CA CYS A 84 12.29 -8.99 13.67
C CYS A 84 12.55 -7.47 13.68
N VAL A 85 12.59 -6.89 14.88
CA VAL A 85 12.76 -5.44 15.03
C VAL A 85 14.14 -4.97 14.55
N LEU A 86 15.12 -5.87 14.61
CA LEU A 86 16.49 -5.57 14.20
C LEU A 86 16.89 -6.21 12.87
N ARG A 87 15.98 -6.99 12.30
CA ARG A 87 16.20 -7.63 11.00
C ARG A 87 16.02 -6.60 9.86
N PRO A 88 16.93 -6.53 8.90
CA PRO A 88 16.72 -5.65 7.74
C PRO A 88 15.47 -6.05 6.93
N THR A 89 14.93 -5.04 6.42
CA THR A 89 13.77 -5.23 5.53
C THR A 89 14.20 -5.63 4.11
N GLU A 90 13.37 -6.30 3.45
CA GLU A 90 13.73 -6.78 2.12
C GLU A 90 13.00 -6.12 0.95
N GLY A 91 11.85 -5.52 1.23
CA GLY A 91 11.08 -4.85 0.20
C GLY A 91 10.14 -5.84 -0.47
N TYR A 92 9.09 -5.34 -1.10
CA TYR A 92 8.14 -6.21 -1.74
C TYR A 92 8.18 -6.13 -3.25
N LEU A 93 7.59 -7.13 -3.90
CA LEU A 93 7.63 -7.24 -5.36
C LEU A 93 6.37 -6.70 -6.02
N ALA A 94 6.53 -5.56 -6.71
CA ALA A 94 5.46 -4.97 -7.48
C ALA A 94 5.25 -5.83 -8.73
N VAL A 95 4.02 -6.30 -8.92
CA VAL A 95 3.67 -7.18 -10.05
C VAL A 95 2.46 -6.68 -10.85
N ALA A 96 2.35 -7.15 -12.09
CA ALA A 96 1.13 -7.01 -12.88
C ALA A 96 0.50 -8.39 -13.03
N VAL A 97 -0.78 -8.49 -12.63
CA VAL A 97 -1.46 -9.78 -12.56
C VAL A 97 -2.66 -9.82 -13.51
N VAL A 98 -2.84 -10.95 -14.18
CA VAL A 98 -3.97 -11.17 -15.09
C VAL A 98 -4.59 -12.55 -14.86
N LYS A 99 -5.73 -12.82 -15.47
CA LYS A 99 -6.26 -14.18 -15.51
C LYS A 99 -5.52 -15.09 -16.49
N LYS A 100 -5.29 -16.32 -16.08
CA LYS A 100 -4.78 -17.32 -17.01
C LYS A 100 -5.68 -17.40 -18.26
N ALA A 101 -7.00 -17.38 -18.04
CA ALA A 101 -7.99 -17.54 -19.11
C ALA A 101 -8.00 -16.39 -20.11
N ASN A 102 -7.44 -15.25 -19.71
CA ASN A 102 -7.23 -14.11 -20.61
C ASN A 102 -5.95 -14.33 -21.41
N GLU A 103 -6.03 -15.25 -22.37
CA GLU A 103 -4.86 -15.72 -23.11
C GLU A 103 -4.36 -14.69 -24.10
N GLY A 104 -3.05 -14.60 -24.25
CA GLY A 104 -2.47 -13.63 -25.16
C GLY A 104 -2.39 -12.19 -24.68
N LEU A 105 -2.85 -11.92 -23.46
CA LEU A 105 -2.59 -10.61 -22.85
C LEU A 105 -1.18 -10.62 -22.27
N THR A 106 -0.39 -9.63 -22.66
CA THR A 106 0.97 -9.49 -22.15
C THR A 106 1.21 -8.03 -21.82
N TRP A 107 2.35 -7.75 -21.18
CA TRP A 107 2.78 -6.36 -20.94
C TRP A 107 2.64 -5.51 -22.20
N ASN A 108 2.97 -6.10 -23.35
CA ASN A 108 2.98 -5.39 -24.63
C ASN A 108 1.62 -5.23 -25.31
N SER A 109 0.57 -5.79 -24.73
CA SER A 109 -0.78 -5.59 -25.27
C SER A 109 -1.75 -4.95 -24.26
N LEU A 110 -1.32 -4.27 -23.24
CA LEU A 110 -2.12 -3.55 -22.23
C LEU A 110 -2.88 -2.34 -22.75
N LYS A 111 -2.30 -1.70 -23.72
CA LYS A 111 -3.03 -0.53 -24.25
C LYS A 111 -4.49 -0.85 -24.55
N ASP A 112 -5.38 0.05 -24.15
CA ASP A 112 -6.84 -0.05 -24.32
C ASP A 112 -7.54 -1.19 -23.53
N LYS A 113 -6.83 -1.78 -22.58
CA LYS A 113 -7.45 -2.80 -21.71
C LYS A 113 -7.99 -2.12 -20.45
N LYS A 114 -8.50 -2.88 -19.55
CA LYS A 114 -9.10 -2.42 -18.31
C LYS A 114 -8.22 -2.73 -17.12
N SER A 115 -7.93 -1.66 -16.32
CA SER A 115 -6.93 -1.82 -15.25
C SER A 115 -7.47 -1.59 -13.83
N CYS A 116 -6.84 -2.24 -12.86
CA CYS A 116 -7.16 -2.11 -11.45
C CYS A 116 -5.91 -1.70 -10.70
N HIS A 117 -6.01 -0.59 -9.98
CA HIS A 117 -4.87 0.02 -9.29
C HIS A 117 -5.22 0.20 -7.83
N THR A 118 -4.24 0.04 -6.95
CA THR A 118 -4.45 0.24 -5.50
C THR A 118 -5.00 1.63 -5.19
N ALA A 119 -4.30 2.65 -5.70
CA ALA A 119 -4.70 4.07 -5.66
C ALA A 119 -3.68 4.88 -6.46
N VAL A 120 -4.10 6.04 -6.96
CA VAL A 120 -3.15 7.04 -7.48
C VAL A 120 -2.08 7.34 -6.42
N ASP A 121 -0.84 7.51 -6.86
CA ASP A 121 0.30 7.89 -6.01
C ASP A 121 0.93 6.73 -5.22
N ARG A 122 0.31 5.54 -5.25
CA ARG A 122 0.90 4.40 -4.55
C ARG A 122 1.96 3.66 -5.39
N THR A 123 2.86 2.93 -4.73
CA THR A 123 4.04 2.35 -5.40
C THR A 123 3.71 1.31 -6.47
N ALA A 124 3.22 0.15 -6.05
CA ALA A 124 2.96 -0.96 -6.95
C ALA A 124 1.72 -0.68 -7.78
N GLY A 125 0.76 0.01 -7.18
CA GLY A 125 -0.50 0.29 -7.86
C GLY A 125 -0.44 1.38 -8.91
N TRP A 126 0.55 2.26 -8.81
CA TRP A 126 0.53 3.47 -9.65
C TRP A 126 1.89 3.96 -10.13
N ASN A 127 2.77 4.33 -9.21
CA ASN A 127 4.05 4.95 -9.59
C ASN A 127 4.91 4.08 -10.51
N ILE A 128 5.00 2.80 -10.16
CA ILE A 128 5.82 1.85 -10.92
C ILE A 128 5.20 1.57 -12.31
N PRO A 129 3.97 1.03 -12.37
CA PRO A 129 3.37 0.74 -13.69
C PRO A 129 3.16 1.97 -14.59
N MET A 130 2.66 3.07 -14.03
CA MET A 130 2.41 4.26 -14.85
C MET A 130 3.70 4.96 -15.28
N GLY A 131 4.72 4.88 -14.41
CA GLY A 131 6.04 5.39 -14.74
C GLY A 131 6.63 4.62 -15.92
N LEU A 132 6.53 3.29 -15.86
CA LEU A 132 6.97 2.42 -16.93
C LEU A 132 6.24 2.68 -18.23
N ILE A 133 4.92 2.87 -18.14
CA ILE A 133 4.07 3.11 -19.30
C ILE A 133 4.33 4.47 -19.95
N VAL A 134 4.45 5.52 -19.14
CA VAL A 134 4.83 6.85 -19.63
C VAL A 134 6.16 6.82 -20.41
N ASN A 135 7.17 6.18 -19.83
CA ASN A 135 8.48 6.04 -20.48
C ASN A 135 8.42 5.31 -21.81
N GLN A 136 7.75 4.16 -21.83
CA GLN A 136 7.70 3.32 -23.02
C GLN A 136 6.88 3.95 -24.15
N THR A 137 5.75 4.56 -23.81
CA THR A 137 4.92 5.24 -24.82
C THR A 137 5.45 6.63 -25.22
N GLY A 138 6.39 7.14 -24.43
CA GLY A 138 6.92 8.49 -24.60
C GLY A 138 5.87 9.58 -24.44
N SER A 139 4.82 9.28 -23.68
CA SER A 139 3.67 10.16 -23.55
C SER A 139 3.24 10.34 -22.10
N CYS A 140 2.78 11.55 -21.78
CA CYS A 140 2.26 11.86 -20.45
C CYS A 140 0.75 11.60 -20.33
N ALA A 141 0.16 11.11 -21.42
CA ALA A 141 -1.28 10.84 -21.45
C ALA A 141 -1.63 9.46 -20.87
N PHE A 142 -1.08 9.16 -19.68
CA PHE A 142 -1.34 7.90 -18.97
C PHE A 142 -2.81 7.73 -18.60
N ASP A 143 -3.58 8.81 -18.73
CA ASP A 143 -4.99 8.84 -18.41
C ASP A 143 -5.85 8.40 -19.59
N GLU A 144 -5.21 8.12 -20.72
CA GLU A 144 -5.88 7.64 -21.92
C GLU A 144 -5.33 6.29 -22.40
N PHE A 145 -4.43 5.70 -21.61
CA PHE A 145 -3.78 4.45 -21.97
C PHE A 145 -4.72 3.25 -21.86
N PHE A 146 -5.34 3.09 -20.70
CA PHE A 146 -6.31 2.03 -20.47
C PHE A 146 -7.68 2.55 -20.85
N SER A 147 -8.50 1.71 -21.47
CA SER A 147 -9.87 2.10 -21.80
C SER A 147 -10.66 2.57 -20.56
N GLN A 148 -10.60 1.75 -19.51
CA GLN A 148 -11.25 2.07 -18.23
C GLN A 148 -10.37 1.58 -17.09
N SER A 149 -10.52 2.20 -15.92
CA SER A 149 -9.75 1.81 -14.75
C SER A 149 -10.53 2.02 -13.45
N CYS A 150 -10.03 1.41 -12.38
CA CYS A 150 -10.32 1.88 -11.05
C CYS A 150 -9.00 2.31 -10.45
N ALA A 151 -8.84 3.61 -10.33
CA ALA A 151 -7.63 4.18 -9.73
C ALA A 151 -8.08 5.16 -8.67
N PRO A 152 -8.37 4.65 -7.46
CA PRO A 152 -8.90 5.54 -6.43
C PRO A 152 -8.03 6.79 -6.26
N GLY A 153 -8.67 7.95 -6.19
CA GLY A 153 -7.98 9.24 -6.11
C GLY A 153 -8.04 10.02 -7.41
N ALA A 154 -8.40 9.37 -8.51
CA ALA A 154 -8.57 10.06 -9.78
C ALA A 154 -9.92 10.80 -9.84
N ASP A 155 -10.14 11.61 -10.87
CA ASP A 155 -11.42 12.29 -11.06
C ASP A 155 -12.53 11.24 -11.19
N PRO A 156 -13.55 11.26 -10.29
CA PRO A 156 -14.64 10.26 -10.28
C PRO A 156 -15.42 10.12 -11.59
N LYS A 157 -15.49 11.22 -12.34
CA LYS A 157 -16.22 11.15 -13.61
C LYS A 157 -15.37 10.61 -14.76
N SER A 158 -14.05 10.47 -14.57
CA SER A 158 -13.10 10.10 -15.61
C SER A 158 -13.03 8.59 -15.85
N ARG A 159 -12.42 8.22 -16.98
CA ARG A 159 -12.20 6.82 -17.32
C ARG A 159 -11.36 6.09 -16.27
N LEU A 160 -10.49 6.85 -15.57
CA LEU A 160 -9.63 6.27 -14.54
C LEU A 160 -10.41 5.81 -13.28
N CYS A 161 -11.63 6.28 -13.14
CA CYS A 161 -12.52 5.85 -12.04
C CYS A 161 -13.70 4.98 -12.47
N ALA A 162 -13.84 4.78 -13.78
CA ALA A 162 -15.04 4.13 -14.36
C ALA A 162 -15.36 2.74 -13.81
N LEU A 163 -14.32 1.99 -13.47
CA LEU A 163 -14.48 0.63 -12.91
C LEU A 163 -14.58 0.62 -11.38
N CYS A 164 -14.41 1.71 -10.66
CA CYS A 164 -14.58 1.76 -9.20
C CYS A 164 -16.06 1.63 -8.80
N ALA A 165 -16.31 1.07 -7.63
CA ALA A 165 -17.67 0.65 -7.23
C ALA A 165 -18.23 1.37 -6.01
N GLY A 166 -17.38 2.09 -5.27
CA GLY A 166 -17.80 2.74 -4.04
C GLY A 166 -18.15 1.74 -2.95
N ASP A 167 -18.96 2.17 -1.98
CA ASP A 167 -19.37 1.34 -0.84
C ASP A 167 -20.66 0.51 -1.09
N ASP A 168 -21.19 -0.08 -0.02
CA ASP A 168 -22.46 -0.85 -0.06
C ASP A 168 -23.61 -0.09 -0.74
N GLN A 169 -23.68 1.21 -0.48
CA GLN A 169 -24.70 2.09 -1.04
C GLN A 169 -24.31 2.69 -2.39
N GLY A 170 -23.12 2.34 -2.88
CA GLY A 170 -22.61 2.94 -4.11
C GLY A 170 -22.17 4.37 -3.92
N LEU A 171 -21.95 4.75 -2.65
CA LEU A 171 -21.40 6.07 -2.31
C LEU A 171 -19.89 6.01 -2.31
N ASP A 172 -19.26 7.17 -2.42
CA ASP A 172 -17.80 7.30 -2.32
C ASP A 172 -17.08 6.56 -3.45
N LYS A 173 -17.72 6.45 -4.61
CA LYS A 173 -17.07 5.84 -5.77
C LYS A 173 -15.71 6.51 -6.01
N CYS A 174 -14.65 5.69 -6.10
CA CYS A 174 -13.28 6.13 -6.39
C CYS A 174 -12.54 6.88 -5.28
N VAL A 175 -13.10 6.91 -4.07
CA VAL A 175 -12.39 7.50 -2.95
C VAL A 175 -11.19 6.64 -2.60
N PRO A 176 -10.03 7.27 -2.34
CA PRO A 176 -8.81 6.53 -1.98
C PRO A 176 -8.79 6.11 -0.50
N ASN A 177 -9.81 5.36 -0.11
CA ASN A 177 -9.83 4.74 1.23
C ASN A 177 -10.63 3.43 1.20
N SER A 178 -10.60 2.70 2.31
CA SER A 178 -11.13 1.33 2.32
C SER A 178 -12.64 1.23 2.06
N LYS A 179 -13.35 2.36 2.08
CA LYS A 179 -14.79 2.41 1.74
C LYS A 179 -15.07 2.02 0.29
N GLU A 180 -14.13 2.35 -0.58
CA GLU A 180 -14.20 1.96 -1.99
C GLU A 180 -13.88 0.47 -2.14
N LYS A 181 -14.82 -0.27 -2.73
CA LYS A 181 -14.77 -1.72 -2.86
C LYS A 181 -13.43 -2.20 -3.42
N TYR A 182 -12.94 -1.51 -4.44
CA TYR A 182 -11.72 -1.91 -5.12
C TYR A 182 -10.45 -1.16 -4.67
N TYR A 183 -10.48 -0.58 -3.47
CA TYR A 183 -9.31 0.15 -2.93
C TYR A 183 -8.17 -0.75 -2.40
N GLY A 184 -6.92 -0.32 -2.62
CA GLY A 184 -5.75 -0.97 -1.99
C GLY A 184 -5.36 -2.27 -2.64
N TYR A 185 -4.38 -2.96 -2.04
CA TYR A 185 -3.94 -4.26 -2.54
C TYR A 185 -5.09 -5.24 -2.76
N THR A 186 -5.88 -5.48 -1.70
CA THR A 186 -6.93 -6.47 -1.76
C THR A 186 -8.05 -6.06 -2.73
N GLY A 187 -8.45 -4.79 -2.69
CA GLY A 187 -9.49 -4.26 -3.57
C GLY A 187 -9.12 -4.32 -5.04
N ALA A 188 -7.86 -4.00 -5.34
CA ALA A 188 -7.41 -4.06 -6.73
C ALA A 188 -7.36 -5.50 -7.23
N PHE A 189 -6.93 -6.43 -6.37
CA PHE A 189 -6.93 -7.86 -6.73
C PHE A 189 -8.37 -8.38 -6.92
N ARG A 190 -9.32 -7.90 -6.13
CA ARG A 190 -10.73 -8.26 -6.26
C ARG A 190 -11.29 -7.81 -7.60
N CYS A 191 -10.90 -6.59 -7.99
CA CYS A 191 -11.25 -6.00 -9.28
C CYS A 191 -10.82 -6.93 -10.43
N LEU A 192 -9.62 -7.50 -10.35
CA LEU A 192 -9.18 -8.51 -11.32
C LEU A 192 -9.93 -9.84 -11.16
N ALA A 193 -9.99 -10.34 -9.93
CA ALA A 193 -10.67 -11.61 -9.63
C ALA A 193 -12.11 -11.67 -10.15
N GLU A 194 -12.83 -10.56 -10.04
CA GLU A 194 -14.23 -10.48 -10.48
C GLU A 194 -14.36 -10.18 -11.97
N ASP A 195 -13.21 -10.10 -12.66
CA ASP A 195 -13.14 -9.75 -14.09
C ASP A 195 -13.67 -8.35 -14.44
N VAL A 196 -13.65 -7.45 -13.45
CA VAL A 196 -13.99 -6.04 -13.70
C VAL A 196 -12.86 -5.41 -14.52
N GLY A 197 -11.63 -5.77 -14.18
CA GLY A 197 -10.47 -5.32 -14.91
C GLY A 197 -9.73 -6.49 -15.53
N ASP A 198 -8.88 -6.19 -16.50
CA ASP A 198 -8.05 -7.18 -17.18
C ASP A 198 -6.73 -7.41 -16.47
N VAL A 199 -6.27 -6.38 -15.77
CA VAL A 199 -4.97 -6.38 -15.11
C VAL A 199 -5.09 -5.68 -13.75
N ALA A 200 -4.40 -6.24 -12.75
CA ALA A 200 -4.28 -5.60 -11.45
C ALA A 200 -2.82 -5.29 -11.16
N PHE A 201 -2.56 -4.06 -10.72
CA PHE A 201 -1.23 -3.66 -10.29
C PHE A 201 -1.15 -3.71 -8.77
N VAL A 202 -0.61 -4.82 -8.28
CA VAL A 202 -0.50 -5.09 -6.83
C VAL A 202 0.90 -5.58 -6.48
N LYS A 203 1.03 -6.26 -5.33
CA LYS A 203 2.29 -6.92 -4.98
C LYS A 203 2.15 -8.46 -4.98
N ASN A 204 3.29 -9.15 -5.05
CA ASN A 204 3.30 -10.61 -5.03
C ASN A 204 2.48 -11.19 -3.88
N ASP A 205 2.69 -10.68 -2.67
CA ASP A 205 2.01 -11.18 -1.47
C ASP A 205 0.49 -11.21 -1.59
N THR A 206 -0.05 -10.19 -2.25
CA THR A 206 -1.50 -10.03 -2.41
C THR A 206 -2.12 -11.25 -3.09
N VAL A 207 -1.48 -11.73 -4.16
CA VAL A 207 -1.97 -12.89 -4.90
C VAL A 207 -2.00 -14.12 -3.99
N TRP A 208 -0.90 -14.40 -3.32
CA TRP A 208 -0.79 -15.56 -2.42
C TRP A 208 -1.81 -15.51 -1.28
N GLU A 209 -1.94 -14.32 -0.69
CA GLU A 209 -2.79 -14.10 0.48
C GLU A 209 -4.29 -14.17 0.22
N ASN A 210 -4.69 -14.16 -1.05
CA ASN A 210 -6.12 -14.19 -1.41
C ASN A 210 -6.55 -15.36 -2.31
N THR A 211 -5.74 -16.41 -2.34
CA THR A 211 -5.98 -17.58 -3.18
C THR A 211 -5.76 -18.84 -2.36
N ASN A 212 -6.26 -19.98 -2.87
CA ASN A 212 -6.06 -21.31 -2.26
C ASN A 212 -6.44 -21.39 -0.77
N GLY A 213 -7.56 -20.77 -0.42
CA GLY A 213 -8.11 -20.84 0.94
C GLY A 213 -7.46 -19.90 1.94
N GLU A 214 -6.57 -19.03 1.49
CA GLU A 214 -5.90 -18.10 2.40
C GLU A 214 -6.78 -16.96 2.93
N SER A 215 -7.90 -16.70 2.26
CA SER A 215 -8.77 -15.54 2.60
C SER A 215 -10.11 -15.79 3.34
N THR A 216 -10.89 -16.76 2.88
CA THR A 216 -12.26 -17.06 3.38
C THR A 216 -13.36 -16.05 2.98
N ALA A 217 -12.96 -14.87 2.52
CA ALA A 217 -13.92 -13.88 2.02
C ALA A 217 -14.65 -14.41 0.80
N ASP A 218 -15.93 -14.09 0.69
CA ASP A 218 -16.73 -14.43 -0.47
C ASP A 218 -16.10 -14.26 -1.84
N TRP A 219 -15.51 -13.11 -2.17
CA TRP A 219 -15.04 -13.05 -3.50
C TRP A 219 -13.82 -13.98 -3.67
N ALA A 220 -13.12 -14.23 -2.58
CA ALA A 220 -11.81 -14.89 -2.61
C ALA A 220 -11.83 -16.39 -2.27
N LYS A 221 -12.86 -16.83 -1.55
CA LYS A 221 -13.03 -18.23 -1.13
C LYS A 221 -12.54 -19.26 -2.13
N ASN A 222 -12.99 -19.08 -3.37
CA ASN A 222 -12.85 -20.08 -4.42
C ASN A 222 -11.72 -19.82 -5.42
N LEU A 223 -10.86 -18.83 -5.14
CA LEU A 223 -9.81 -18.48 -6.08
C LEU A 223 -8.59 -19.41 -6.01
N LYS A 224 -8.17 -19.86 -7.19
CA LYS A 224 -7.03 -20.76 -7.30
C LYS A 224 -5.85 -20.01 -7.95
N ARG A 225 -4.66 -20.17 -7.36
CA ARG A 225 -3.42 -19.54 -7.84
C ARG A 225 -3.09 -19.83 -9.31
N GLU A 226 -3.40 -21.04 -9.76
CA GLU A 226 -3.11 -21.46 -11.14
C GLU A 226 -3.97 -20.75 -12.17
N ASP A 227 -5.01 -20.07 -11.71
CA ASP A 227 -5.89 -19.30 -12.58
C ASP A 227 -5.38 -17.87 -12.84
N PHE A 228 -4.24 -17.55 -12.25
CA PHE A 228 -3.62 -16.24 -12.42
C PHE A 228 -2.23 -16.33 -13.05
N ARG A 229 -1.87 -15.29 -13.82
CA ARG A 229 -0.54 -15.18 -14.40
C ARG A 229 0.06 -13.81 -14.10
N LEU A 230 1.39 -13.75 -14.07
CA LEU A 230 2.11 -12.47 -13.97
C LEU A 230 2.62 -12.02 -15.32
N LEU A 231 2.59 -10.71 -15.54
CA LEU A 231 3.12 -10.12 -16.77
C LEU A 231 4.54 -9.64 -16.55
N CYS A 232 5.47 -10.21 -17.32
CA CYS A 232 6.87 -9.81 -17.21
C CYS A 232 7.16 -8.69 -18.21
N LEU A 233 8.15 -7.87 -17.89
CA LEU A 233 8.51 -6.75 -18.76
C LEU A 233 8.99 -7.17 -20.16
N ASP A 234 9.52 -8.40 -20.27
CA ASP A 234 9.93 -8.93 -21.58
C ASP A 234 8.77 -9.48 -22.43
N GLY A 235 7.53 -9.29 -21.97
CA GLY A 235 6.36 -9.68 -22.74
C GLY A 235 5.93 -11.11 -22.50
N THR A 236 6.59 -11.76 -21.55
CA THR A 236 6.36 -13.15 -21.17
C THR A 236 5.26 -13.24 -20.10
N ARG A 237 4.58 -14.39 -20.02
CA ARG A 237 3.61 -14.68 -18.94
C ARG A 237 4.14 -15.82 -18.05
N LYS A 238 4.12 -15.63 -16.73
CA LYS A 238 4.60 -16.65 -15.80
C LYS A 238 3.61 -16.96 -14.68
N PRO A 239 3.65 -18.20 -14.13
CA PRO A 239 2.89 -18.51 -12.93
C PRO A 239 3.30 -17.61 -11.77
N VAL A 240 2.41 -17.51 -10.79
CA VAL A 240 2.60 -16.56 -9.68
C VAL A 240 3.67 -17.00 -8.68
N THR A 241 4.24 -18.19 -8.92
CA THR A 241 5.39 -18.70 -8.15
C THR A 241 6.71 -18.10 -8.63
N GLU A 242 6.71 -17.51 -9.81
CA GLU A 242 7.89 -16.93 -10.41
C GLU A 242 8.08 -15.42 -10.21
N ALA A 243 7.53 -14.86 -9.18
CA ALA A 243 7.59 -13.41 -8.98
C ALA A 243 9.01 -12.82 -8.87
N GLN A 244 9.96 -13.62 -8.40
CA GLN A 244 11.34 -13.16 -8.27
C GLN A 244 12.01 -12.92 -9.62
N SER A 245 11.45 -13.51 -10.67
CA SER A 245 11.96 -13.34 -12.04
C SER A 245 10.99 -12.62 -12.99
N CYS A 246 9.84 -12.22 -12.46
CA CYS A 246 8.77 -11.62 -13.26
C CYS A 246 8.01 -10.54 -12.47
N HIS A 247 8.72 -9.46 -12.13
CA HIS A 247 8.14 -8.34 -11.39
C HIS A 247 8.44 -7.03 -12.10
N LEU A 248 7.69 -6.00 -11.72
CA LEU A 248 7.88 -4.69 -12.29
C LEU A 248 8.96 -3.90 -11.57
N ALA A 249 9.11 -4.16 -10.26
CA ALA A 249 10.11 -3.49 -9.45
C ALA A 249 10.14 -4.14 -8.07
N VAL A 250 11.17 -3.76 -7.31
CA VAL A 250 11.18 -4.07 -5.86
C VAL A 250 10.89 -2.72 -5.19
N ALA A 251 9.88 -2.78 -4.24
CA ALA A 251 9.39 -1.57 -3.56
C ALA A 251 9.91 -1.49 -2.13
N PRO A 252 10.17 -0.25 -1.64
CA PRO A 252 10.51 -0.11 -0.22
C PRO A 252 9.25 -0.36 0.60
N ASN A 253 9.40 -1.07 1.73
CA ASN A 253 8.28 -1.42 2.58
C ASN A 253 7.50 -0.17 3.06
N HIS A 254 6.19 -0.33 3.26
CA HIS A 254 5.37 0.69 3.91
C HIS A 254 6.06 1.03 5.23
N ALA A 255 6.04 2.31 5.61
CA ALA A 255 6.71 2.78 6.84
C ALA A 255 5.97 3.89 7.59
N VAL A 256 6.21 3.96 8.89
CA VAL A 256 5.68 5.05 9.74
C VAL A 256 6.45 6.36 9.47
N VAL A 257 5.72 7.45 9.26
CA VAL A 257 6.34 8.77 9.19
C VAL A 257 5.77 9.70 10.28
N SER A 258 6.57 10.68 10.67
CA SER A 258 6.14 11.71 11.63
C SER A 258 6.95 12.99 11.41
N ARG A 259 6.61 14.04 12.16
CA ARG A 259 7.47 15.22 12.21
C ARG A 259 8.74 14.85 12.94
N SER A 260 9.80 15.46 12.49
CA SER A 260 11.08 15.22 13.01
C SER A 260 11.14 15.40 14.54
N ASP A 261 10.46 16.42 15.04
CA ASP A 261 10.34 16.72 16.43
C ASP A 261 9.59 15.67 17.25
N ARG A 262 8.82 14.82 16.60
CA ARG A 262 8.03 13.77 17.26
C ARG A 262 8.52 12.34 17.02
N ALA A 263 9.47 12.19 16.11
CA ALA A 263 9.96 10.88 15.65
C ALA A 263 10.46 9.96 16.77
N ALA A 264 11.27 10.52 17.67
CA ALA A 264 11.86 9.73 18.74
C ALA A 264 10.78 9.18 19.66
N HIS A 265 9.79 10.01 19.96
CA HIS A 265 8.73 9.63 20.88
C HIS A 265 7.73 8.67 20.24
N VAL A 266 7.40 8.90 18.97
CA VAL A 266 6.56 7.98 18.20
C VAL A 266 7.21 6.58 18.13
N GLU A 267 8.53 6.54 17.93
CA GLU A 267 9.27 5.28 17.86
C GLU A 267 9.20 4.53 19.19
N GLN A 268 9.45 5.23 20.29
CA GLN A 268 9.42 4.64 21.63
C GLN A 268 8.07 3.96 21.94
N VAL A 269 6.99 4.72 21.76
CA VAL A 269 5.62 4.26 21.96
C VAL A 269 5.25 3.06 21.09
N LEU A 270 5.64 3.09 19.82
CA LEU A 270 5.29 2.01 18.88
C LEU A 270 5.97 0.69 19.21
N LEU A 271 7.26 0.74 19.55
CA LEU A 271 7.99 -0.46 19.98
C LEU A 271 7.29 -1.11 21.19
N HIS A 272 6.83 -0.27 22.12
CA HIS A 272 6.05 -0.75 23.26
C HIS A 272 4.67 -1.27 22.86
N GLN A 273 3.98 -0.55 21.97
CA GLN A 273 2.65 -0.96 21.51
C GLN A 273 2.65 -2.31 20.78
N GLN A 274 3.69 -2.58 19.99
CA GLN A 274 3.78 -3.88 19.33
C GLN A 274 4.20 -5.02 20.27
N ALA A 275 5.01 -4.72 21.29
CA ALA A 275 5.30 -5.69 22.33
C ALA A 275 4.00 -6.21 22.99
N LEU A 276 3.00 -5.33 23.06
CA LEU A 276 1.69 -5.68 23.61
C LEU A 276 0.74 -6.33 22.58
N PHE A 277 0.60 -5.72 21.40
CA PHE A 277 -0.44 -6.12 20.45
C PHE A 277 0.05 -6.60 19.07
N GLY A 278 1.37 -6.69 18.89
CA GLY A 278 1.95 -7.24 17.66
C GLY A 278 1.88 -8.75 17.52
N LYS A 279 2.65 -9.29 16.57
CA LYS A 279 2.60 -10.71 16.22
C LYS A 279 2.57 -11.68 17.42
N ASN A 280 3.65 -11.69 18.20
CA ASN A 280 3.69 -12.46 19.44
C ASN A 280 3.39 -11.59 20.66
N GLY A 281 2.51 -10.61 20.44
CA GLY A 281 2.18 -9.62 21.46
C GLY A 281 1.62 -10.23 22.73
N LYS A 282 1.97 -9.60 23.85
CA LYS A 282 1.50 -10.02 25.17
C LYS A 282 -0.02 -10.15 25.25
N ASN A 283 -0.73 -9.22 24.61
CA ASN A 283 -2.19 -9.18 24.63
C ASN A 283 -2.88 -9.40 23.29
N CYS A 284 -2.14 -9.77 22.26
CA CYS A 284 -2.68 -9.91 20.93
C CYS A 284 -3.77 -10.96 20.76
N PRO A 285 -3.39 -12.21 20.77
CA PRO A 285 -4.32 -13.18 20.31
C PRO A 285 -5.67 -12.94 20.98
N ASP A 286 -5.66 -12.08 21.96
CA ASP A 286 -6.34 -12.33 23.18
C ASP A 286 -7.26 -11.16 23.49
N LYS A 287 -6.68 -9.98 23.53
CA LYS A 287 -7.38 -8.71 23.59
C LYS A 287 -7.43 -7.97 22.25
N PHE A 288 -6.27 -7.66 21.70
CA PHE A 288 -6.22 -6.86 20.46
C PHE A 288 -4.93 -7.11 19.70
N CYS A 289 -5.07 -7.27 18.39
CA CYS A 289 -3.94 -7.47 17.49
C CYS A 289 -3.79 -6.29 16.52
N LEU A 290 -2.68 -5.57 16.67
CA LEU A 290 -2.53 -4.37 15.85
C LEU A 290 -2.33 -4.71 14.37
N PHE A 291 -1.80 -5.89 14.06
CA PHE A 291 -1.51 -6.25 12.68
C PHE A 291 -2.55 -7.22 12.07
N LYS A 292 -3.73 -7.28 12.63
CA LYS A 292 -4.83 -7.91 11.98
C LYS A 292 -6.05 -7.02 11.77
N SER A 293 -6.81 -7.32 10.74
CA SER A 293 -8.07 -6.68 10.39
C SER A 293 -8.86 -7.47 9.32
N GLU A 294 -8.92 -8.77 9.49
CA GLU A 294 -9.54 -9.70 8.51
C GLU A 294 -9.20 -9.33 7.06
N THR A 295 -7.97 -9.46 6.57
CA THR A 295 -7.44 -9.06 5.24
C THR A 295 -7.83 -7.64 4.73
N LYS A 296 -8.19 -6.75 5.60
CA LYS A 296 -8.45 -5.49 5.06
C LYS A 296 -7.25 -4.55 5.14
N ASN A 297 -6.12 -5.03 5.66
CA ASN A 297 -4.91 -4.16 5.72
C ASN A 297 -5.17 -2.75 6.29
N LEU A 298 -5.80 -2.69 7.45
CA LEU A 298 -6.16 -1.42 8.08
C LEU A 298 -5.07 -0.96 9.04
N LEU A 299 -4.61 0.28 8.84
CA LEU A 299 -3.50 0.91 9.59
C LEU A 299 -2.12 0.36 9.22
N PHE A 300 -2.03 -0.97 9.19
CA PHE A 300 -0.83 -1.70 8.75
C PHE A 300 -1.28 -2.86 7.88
N ASN A 301 -0.36 -3.36 7.07
CA ASN A 301 -0.61 -4.58 6.31
C ASN A 301 -0.74 -5.76 7.25
N ASP A 302 -1.71 -6.62 6.96
CA ASP A 302 -2.00 -7.77 7.82
C ASP A 302 -0.87 -8.80 7.84
N ASN A 303 0.05 -8.73 6.88
CA ASN A 303 1.23 -9.60 6.88
C ASN A 303 2.43 -9.04 7.64
N THR A 304 2.27 -7.90 8.31
CA THR A 304 3.34 -7.30 9.09
C THR A 304 3.69 -8.17 10.30
N GLU A 305 4.94 -8.62 10.38
CA GLU A 305 5.41 -9.37 11.56
C GLU A 305 5.77 -8.42 12.69
N CYS A 306 6.39 -7.29 12.33
CA CYS A 306 6.72 -6.23 13.27
C CYS A 306 7.06 -4.95 12.53
N LEU A 307 7.16 -3.87 13.29
CA LEU A 307 7.76 -2.64 12.79
C LEU A 307 9.24 -2.67 13.17
N ALA A 308 10.10 -2.53 12.18
CA ALA A 308 11.54 -2.67 12.38
C ALA A 308 12.28 -1.34 12.40
N LYS A 309 13.36 -1.28 13.18
CA LYS A 309 14.22 -0.11 13.22
C LYS A 309 14.91 0.09 11.88
N LEU A 310 15.18 1.35 11.56
CA LEU A 310 15.74 1.70 10.25
C LEU A 310 17.27 1.61 10.17
N GLY A 311 17.98 2.26 11.10
CA GLY A 311 19.45 2.30 11.01
C GLY A 311 19.98 3.16 9.85
N GLY A 312 20.97 3.93 10.30
CA GLY A 312 21.56 4.87 9.36
C GLY A 312 20.78 6.18 9.41
N ARG A 313 19.78 6.21 10.29
CA ARG A 313 18.82 7.31 10.48
C ARG A 313 18.49 7.97 9.14
N PRO A 314 17.81 7.22 8.23
CA PRO A 314 17.71 7.68 6.85
C PRO A 314 16.73 8.82 6.63
N THR A 315 17.10 9.69 5.71
CA THR A 315 16.21 10.68 5.14
C THR A 315 15.16 9.93 4.34
N TYR A 316 14.06 10.60 3.97
CA TYR A 316 13.03 9.92 3.18
C TYR A 316 13.60 9.44 1.84
N GLU A 317 14.52 10.20 1.26
CA GLU A 317 15.17 9.83 -0.01
C GLU A 317 16.03 8.58 0.11
N GLU A 318 16.82 8.48 1.17
CA GLU A 318 17.62 7.28 1.46
C GLU A 318 16.74 6.06 1.73
N TYR A 319 15.62 6.28 2.42
CA TYR A 319 14.66 5.19 2.68
C TYR A 319 14.05 4.63 1.38
N LEU A 320 13.63 5.52 0.51
CA LEU A 320 12.94 5.12 -0.71
C LEU A 320 13.94 4.60 -1.73
N GLY A 321 15.15 5.16 -1.68
CA GLY A 321 16.23 4.84 -2.62
C GLY A 321 16.24 5.80 -3.79
N THR A 322 17.44 6.18 -4.23
CA THR A 322 17.61 7.21 -5.29
C THR A 322 16.90 6.81 -6.58
N GLU A 323 17.04 5.53 -6.94
CA GLU A 323 16.34 4.88 -8.04
C GLU A 323 14.84 5.24 -8.09
N TYR A 324 14.10 4.81 -7.07
CA TYR A 324 12.66 5.04 -6.97
C TYR A 324 12.30 6.53 -6.96
N VAL A 325 13.08 7.32 -6.21
CA VAL A 325 12.86 8.76 -6.07
C VAL A 325 12.86 9.48 -7.42
N THR A 326 13.81 9.13 -8.27
CA THR A 326 13.93 9.76 -9.58
C THR A 326 12.80 9.30 -10.50
N ALA A 327 12.39 8.05 -10.35
CA ALA A 327 11.25 7.48 -11.06
C ALA A 327 9.95 8.22 -10.73
N ILE A 328 9.73 8.52 -9.45
CA ILE A 328 8.56 9.30 -9.05
C ILE A 328 8.64 10.71 -9.62
N ALA A 329 9.78 11.38 -9.42
CA ALA A 329 9.98 12.73 -9.94
C ALA A 329 9.69 12.82 -11.43
N ASN A 330 10.22 11.87 -12.19
CA ASN A 330 10.02 11.78 -13.64
C ASN A 330 8.55 11.62 -14.03
N LEU A 331 7.83 10.76 -13.30
CA LEU A 331 6.39 10.59 -13.51
C LEU A 331 5.60 11.86 -13.16
N LYS A 332 5.91 12.47 -12.01
CA LYS A 332 5.19 13.68 -11.58
C LYS A 332 5.35 14.85 -12.55
N LYS A 333 6.31 14.77 -13.47
CA LYS A 333 6.47 15.81 -14.52
C LYS A 333 5.30 15.86 -15.50
N CYS A 334 4.46 14.82 -15.47
CA CYS A 334 3.30 14.72 -16.36
C CYS A 334 2.06 15.43 -15.83
N SER A 335 1.96 15.53 -14.50
CA SER A 335 0.77 16.08 -13.87
C SER A 335 0.92 17.59 -13.63
N LEU A 340 10.34 22.25 -9.55
CA LEU A 340 10.25 20.78 -9.59
C LEU A 340 10.32 20.18 -8.18
N GLU A 341 10.75 20.99 -7.21
CA GLU A 341 10.84 20.57 -5.81
C GLU A 341 10.10 21.51 -4.86
N ALA A 342 9.06 20.99 -4.21
CA ALA A 342 8.24 21.73 -3.25
C ALA A 342 7.23 20.81 -2.56
N CYS A 343 6.71 21.27 -1.42
CA CYS A 343 5.61 20.58 -0.75
C CYS A 343 4.31 20.82 -1.53
N ALA A 344 3.55 19.75 -1.74
CA ALA A 344 2.32 19.80 -2.51
C ALA A 344 1.20 20.61 -1.82
N PHE A 345 1.32 20.75 -0.51
CA PHE A 345 0.31 21.46 0.29
C PHE A 345 0.80 22.82 0.75
#